data_2ZRE
#
_entry.id   2ZRE
#
_cell.length_a   102.030
_cell.length_b   102.030
_cell.length_c   75.030
_cell.angle_alpha   90.00
_cell.angle_beta   90.00
_cell.angle_gamma   120.00
#
_symmetry.space_group_name_H-M   'P 61'
#
loop_
_entity.id
_entity.type
_entity.pdbx_description
1 polymer 'Protein recA'
2 non-polymer 'PHOSPHOTHIOPHOSPHORIC ACID-ADENYLATE ESTER'
3 non-polymer GLYCEROL
4 non-polymer 'MAGNESIUM ION'
5 water water
#
_entity_poly.entity_id   1
_entity_poly.type   'polypeptide(L)'
_entity_poly.pdbx_seq_one_letter_code
;MAQQAPDREKALELAMAQIDKNFGKGSVMRLGEEVRQPISVIPTGSISLDVALGIGGLPRGRVIEIYGPESSGKTTVALH
AVANAQAAGGIAAFIDAEHALDPEYAKKLGVDTDSLLVSQPDTGEQALEIADMLVRSGALDIIVIDSVAALVPRAEIEGE
MGDSHVGLQARLMSQALRKMTGALNNSGTTAIFINNLREKIGVMFGSPETTTGGKALKFYASVRLDVRRIETLKDGTDAV
GNRTRVKVVKNKVSPPFKQAEFDILYGQGISREGSLIDMGVEHGFIRKSGSWFTYEGEQLGQGKENARKFLLENTDVANE
IEKKIKEKLGIGAVVTAEADDVLPAPVDF
;
_entity_poly.pdbx_strand_id   A
#
loop_
_chem_comp.id
_chem_comp.type
_chem_comp.name
_chem_comp.formula
AGS non-polymer 'PHOSPHOTHIOPHOSPHORIC ACID-ADENYLATE ESTER' 'C10 H16 N5 O12 P3 S'
GOL non-polymer GLYCEROL 'C3 H8 O3'
MG non-polymer 'MAGNESIUM ION' 'Mg 2'
#
# COMPACT_ATOMS: atom_id res chain seq x y z
N ALA A 5 -34.21 -1.62 31.95
CA ALA A 5 -33.09 -2.61 31.87
C ALA A 5 -32.11 -2.31 30.73
N PRO A 6 -32.63 -1.78 29.60
CA PRO A 6 -31.74 -1.48 28.47
C PRO A 6 -30.96 -0.15 28.44
N ASP A 7 -29.66 -0.28 28.22
CA ASP A 7 -28.73 0.84 28.07
C ASP A 7 -28.05 0.42 26.78
N ARG A 8 -28.32 1.18 25.73
CA ARG A 8 -27.78 0.89 24.41
C ARG A 8 -26.27 0.76 24.34
N GLU A 9 -25.57 1.86 24.59
CA GLU A 9 -24.12 1.82 24.50
C GLU A 9 -23.49 0.74 25.38
N LYS A 10 -24.03 0.48 26.56
CA LYS A 10 -23.41 -0.56 27.37
C LYS A 10 -23.69 -1.91 26.69
N ALA A 11 -24.88 -2.05 26.11
CA ALA A 11 -25.28 -3.29 25.45
C ALA A 11 -24.67 -3.42 24.07
N LEU A 12 -24.12 -2.33 23.57
CA LEU A 12 -23.52 -2.33 22.24
C LEU A 12 -22.05 -2.72 22.35
N GLU A 13 -21.39 -2.12 23.35
CA GLU A 13 -20.00 -2.39 23.60
C GLU A 13 -19.83 -3.88 23.86
N LEU A 14 -20.71 -4.42 24.70
CA LEU A 14 -20.67 -5.85 25.04
C LEU A 14 -20.84 -6.71 23.79
N ALA A 15 -21.80 -6.33 22.95
CA ALA A 15 -21.95 -6.95 21.64
C ALA A 15 -20.65 -6.88 20.84
N MET A 16 -20.14 -5.67 20.64
CA MET A 16 -18.97 -5.46 19.81
C MET A 16 -17.77 -6.26 20.32
N ALA A 17 -17.53 -6.18 21.63
CA ALA A 17 -16.48 -6.97 22.26
C ALA A 17 -16.61 -8.44 21.88
N GLN A 18 -17.80 -8.99 22.04
CA GLN A 18 -18.07 -10.38 21.70
C GLN A 18 -17.83 -10.63 20.20
N ILE A 19 -18.28 -9.69 19.38
CA ILE A 19 -18.03 -9.76 17.94
C ILE A 19 -16.54 -9.87 17.64
N ASP A 20 -15.74 -9.09 18.36
CA ASP A 20 -14.31 -8.98 18.06
C ASP A 20 -13.55 -10.22 18.54
N LYS A 21 -14.06 -10.83 19.61
CA LYS A 21 -13.38 -11.98 20.21
C LYS A 21 -13.71 -13.27 19.46
N ASN A 22 -14.81 -13.25 18.70
CA ASN A 22 -15.22 -14.40 17.93
C ASN A 22 -14.59 -14.45 16.55
N PHE A 23 -14.16 -13.29 16.07
CA PHE A 23 -13.74 -13.13 14.68
C PHE A 23 -12.48 -12.29 14.57
N GLY A 24 -11.95 -11.88 15.72
CA GLY A 24 -10.69 -11.15 15.77
C GLY A 24 -10.89 -9.65 15.78
N LYS A 25 -9.96 -8.93 16.40
CA LYS A 25 -10.04 -7.48 16.49
C LYS A 25 -10.13 -6.84 15.11
N GLY A 26 -11.07 -5.92 14.95
CA GLY A 26 -11.25 -5.23 13.68
C GLY A 26 -12.50 -5.70 12.95
N SER A 27 -13.14 -6.73 13.49
CA SER A 27 -14.31 -7.32 12.85
C SER A 27 -15.43 -6.30 12.69
N VAL A 28 -15.50 -5.34 13.61
CA VAL A 28 -16.45 -4.24 13.52
C VAL A 28 -16.04 -3.07 14.41
N MET A 29 -16.20 -1.86 13.90
CA MET A 29 -15.66 -0.68 14.56
C MET A 29 -16.32 0.63 14.14
N ARG A 30 -16.38 1.60 15.05
CA ARG A 30 -16.98 2.88 14.72
C ARG A 30 -16.07 3.52 13.70
N LEU A 31 -16.64 4.21 12.74
CA LEU A 31 -15.85 4.83 11.68
C LEU A 31 -15.00 5.99 12.19
N GLY A 32 -15.56 6.79 13.08
CA GLY A 32 -14.82 7.92 13.60
C GLY A 32 -13.86 7.57 14.70
N GLU A 33 -13.68 6.28 14.95
CA GLU A 33 -12.79 5.82 16.01
C GLU A 33 -11.35 6.25 15.73
N GLU A 34 -10.49 6.09 16.75
CA GLU A 34 -9.06 6.30 16.57
C GLU A 34 -8.25 5.21 17.27
N VAL A 35 -7.52 4.42 16.48
CA VAL A 35 -6.84 3.24 17.01
C VAL A 35 -5.44 3.59 17.49
N ARG A 36 -5.16 3.28 18.76
CA ARG A 36 -3.80 3.39 19.28
C ARG A 36 -3.19 2.00 19.35
N GLN A 37 -3.60 1.13 18.44
CA GLN A 37 -3.04 -0.21 18.34
C GLN A 37 -2.00 0.01 17.25
N PRO A 38 -0.72 -0.08 17.63
CA PRO A 38 0.35 0.23 16.68
C PRO A 38 0.61 -0.93 15.72
N ILE A 39 0.36 -2.14 16.17
CA ILE A 39 0.66 -3.34 15.38
C ILE A 39 2.13 -3.35 14.97
N SER A 40 2.38 -3.67 13.69
CA SER A 40 3.68 -3.44 13.09
C SER A 40 3.34 -3.10 11.64
N VAL A 41 4.08 -2.15 11.07
CA VAL A 41 3.70 -1.65 9.76
C VAL A 41 4.91 -1.41 8.87
N ILE A 42 4.69 -1.45 7.57
CA ILE A 42 5.71 -1.01 6.61
C ILE A 42 5.30 0.29 5.93
N PRO A 43 5.89 1.39 6.37
CA PRO A 43 5.56 2.71 5.82
C PRO A 43 5.42 2.60 4.31
N THR A 44 4.28 3.08 3.81
CA THR A 44 3.96 3.01 2.39
C THR A 44 4.76 3.90 1.46
N GLY A 45 5.58 4.79 2.01
CA GLY A 45 6.35 5.66 1.15
C GLY A 45 5.50 6.88 0.84
N SER A 46 4.27 6.84 1.35
CA SER A 46 3.31 7.93 1.19
C SER A 46 2.76 8.29 2.55
N ILE A 47 3.14 9.46 3.04
CA ILE A 47 2.71 9.90 4.35
C ILE A 47 1.19 9.97 4.45
N SER A 48 0.54 10.50 3.41
CA SER A 48 -0.92 10.62 3.42
C SER A 48 -1.52 9.23 3.53
N LEU A 49 -1.08 8.34 2.64
CA LEU A 49 -1.54 6.98 2.62
C LEU A 49 -1.28 6.31 3.98
N ASP A 50 -0.08 6.52 4.51
CA ASP A 50 0.28 5.96 5.80
C ASP A 50 -0.76 6.35 6.83
N VAL A 51 -1.09 7.64 6.88
CA VAL A 51 -2.09 8.15 7.82
C VAL A 51 -3.47 7.58 7.48
N ALA A 52 -3.74 7.45 6.19
CA ALA A 52 -5.02 6.94 5.70
C ALA A 52 -5.29 5.52 6.20
N LEU A 53 -4.24 4.74 6.31
CA LEU A 53 -4.35 3.38 6.79
C LEU A 53 -4.61 3.43 8.29
N GLY A 54 -4.34 4.59 8.90
CA GLY A 54 -4.57 4.74 10.33
C GLY A 54 -3.51 4.13 11.23
N ILE A 55 -2.57 3.38 10.67
CA ILE A 55 -1.53 2.74 11.46
C ILE A 55 -0.12 3.07 10.97
N GLY A 56 -0.02 4.01 10.05
CA GLY A 56 1.29 4.41 9.56
C GLY A 56 1.91 3.61 8.44
N GLY A 57 1.17 2.65 7.89
CA GLY A 57 1.70 1.84 6.82
C GLY A 57 0.96 0.54 6.68
N LEU A 58 1.50 -0.38 5.89
CA LEU A 58 0.84 -1.65 5.70
C LEU A 58 1.12 -2.51 6.92
N PRO A 59 0.07 -3.07 7.51
CA PRO A 59 0.27 -3.91 8.70
C PRO A 59 1.12 -5.11 8.31
N ARG A 60 1.90 -5.64 9.25
CA ARG A 60 2.71 -6.79 8.92
C ARG A 60 1.94 -8.08 9.15
N GLY A 61 2.32 -9.13 8.41
CA GLY A 61 1.70 -10.44 8.53
C GLY A 61 0.35 -10.60 7.85
N ARG A 62 -0.05 -9.58 7.10
CA ARG A 62 -1.33 -9.59 6.42
C ARG A 62 -1.24 -9.64 4.90
N VAL A 63 -2.40 -9.88 4.30
CA VAL A 63 -2.57 -9.91 2.87
C VAL A 63 -3.04 -8.52 2.48
N ILE A 64 -2.34 -7.88 1.58
CA ILE A 64 -2.73 -6.56 1.14
C ILE A 64 -3.03 -6.69 -0.34
N GLU A 65 -4.11 -6.09 -0.80
CA GLU A 65 -4.41 -6.14 -2.22
C GLU A 65 -4.29 -4.71 -2.73
N ILE A 66 -3.52 -4.52 -3.78
CA ILE A 66 -3.38 -3.19 -4.33
C ILE A 66 -3.88 -3.28 -5.73
N TYR A 67 -5.15 -2.94 -5.93
CA TYR A 67 -5.76 -3.00 -7.25
C TYR A 67 -5.99 -1.60 -7.81
N GLY A 68 -6.27 -1.53 -9.12
CA GLY A 68 -6.16 -0.28 -9.85
C GLY A 68 -5.79 -0.49 -11.30
N PRO A 69 -6.16 0.47 -12.15
CA PRO A 69 -5.78 0.43 -13.56
C PRO A 69 -4.27 0.48 -13.75
N GLU A 70 -3.80 0.11 -14.93
CA GLU A 70 -2.38 0.16 -15.25
C GLU A 70 -1.92 1.59 -14.92
N SER A 71 -0.62 1.74 -14.70
CA SER A 71 -0.01 3.07 -14.62
C SER A 71 -0.43 4.00 -13.48
N SER A 72 -1.29 3.47 -12.59
CA SER A 72 -1.88 4.30 -11.55
C SER A 72 -1.04 4.50 -10.29
N GLY A 73 -0.13 3.57 -10.04
CA GLY A 73 0.96 3.81 -9.11
C GLY A 73 1.15 2.65 -8.14
N LYS A 74 0.54 1.51 -8.46
CA LYS A 74 0.40 0.43 -7.49
C LYS A 74 1.75 -0.19 -7.16
N THR A 75 2.54 -0.50 -8.19
CA THR A 75 3.82 -1.17 -8.01
C THR A 75 4.87 -0.21 -7.44
N THR A 76 4.77 1.05 -7.82
CA THR A 76 5.58 2.10 -7.20
C THR A 76 5.47 2.06 -5.68
N VAL A 77 4.23 2.09 -5.18
CA VAL A 77 3.97 1.97 -3.77
C VAL A 77 4.62 0.65 -3.32
N ALA A 78 4.16 -0.46 -3.89
CA ALA A 78 4.70 -1.75 -3.50
C ALA A 78 6.21 -1.70 -3.41
N LEU A 79 6.85 -1.06 -4.39
CA LEU A 79 8.30 -0.96 -4.40
C LEU A 79 8.83 -0.16 -3.23
N HIS A 80 8.18 0.96 -2.92
CA HIS A 80 8.57 1.78 -1.77
C HIS A 80 8.43 0.94 -0.52
N ALA A 81 7.31 0.24 -0.40
CA ALA A 81 7.09 -0.59 0.77
C ALA A 81 8.26 -1.58 0.93
N VAL A 82 8.75 -2.11 -0.19
CA VAL A 82 9.85 -3.05 -0.13
C VAL A 82 11.12 -2.32 0.38
N ALA A 83 11.39 -1.13 -0.16
CA ALA A 83 12.55 -0.35 0.23
C ALA A 83 12.56 -0.03 1.73
N ASN A 84 11.41 0.41 2.24
CA ASN A 84 11.29 0.73 3.64
C ASN A 84 11.58 -0.52 4.43
N ALA A 85 10.90 -1.60 4.07
CA ALA A 85 11.10 -2.85 4.78
C ALA A 85 12.57 -3.26 4.83
N GLN A 86 13.29 -3.05 3.73
CA GLN A 86 14.69 -3.44 3.68
C GLN A 86 15.63 -2.55 4.49
N ALA A 87 15.27 -1.28 4.64
CA ALA A 87 16.09 -0.36 5.41
C ALA A 87 15.95 -0.71 6.88
N ALA A 88 14.82 -1.30 7.23
CA ALA A 88 14.58 -1.69 8.60
C ALA A 88 15.29 -3.03 8.74
N GLY A 89 16.06 -3.38 7.72
CA GLY A 89 16.82 -4.61 7.72
C GLY A 89 16.02 -5.86 7.39
N GLY A 90 14.92 -5.69 6.68
CA GLY A 90 14.10 -6.84 6.32
C GLY A 90 14.49 -7.38 4.98
N ILE A 91 14.17 -8.65 4.73
CA ILE A 91 14.47 -9.30 3.46
C ILE A 91 13.20 -9.32 2.62
N ALA A 92 13.32 -9.00 1.33
CA ALA A 92 12.13 -8.97 0.45
C ALA A 92 12.13 -9.91 -0.74
N ALA A 93 10.94 -10.34 -1.15
CA ALA A 93 10.80 -11.22 -2.31
C ALA A 93 9.81 -10.65 -3.32
N PHE A 94 10.08 -10.87 -4.59
CA PHE A 94 9.22 -10.38 -5.66
C PHE A 94 8.86 -11.51 -6.62
N ILE A 95 7.70 -12.10 -6.42
CA ILE A 95 7.24 -13.17 -7.30
C ILE A 95 6.75 -12.52 -8.57
N ASP A 96 7.64 -12.41 -9.56
CA ASP A 96 7.34 -11.80 -10.84
C ASP A 96 6.74 -12.74 -11.87
N ALA A 97 5.55 -12.41 -12.35
CA ALA A 97 4.89 -13.23 -13.37
C ALA A 97 4.46 -12.35 -14.54
N GLU A 98 4.99 -11.13 -14.56
CA GLU A 98 4.67 -10.17 -15.61
C GLU A 98 5.91 -9.82 -16.38
N HIS A 99 7.04 -9.94 -15.75
CA HIS A 99 8.32 -9.63 -16.35
C HIS A 99 8.34 -8.15 -16.75
N ALA A 100 7.86 -7.29 -15.87
CA ALA A 100 7.85 -5.87 -16.18
C ALA A 100 8.63 -4.98 -15.24
N LEU A 101 8.93 -5.51 -14.06
CA LEU A 101 9.68 -4.80 -13.03
C LEU A 101 10.95 -4.19 -13.63
N ASP A 102 11.20 -2.93 -13.32
CA ASP A 102 12.40 -2.25 -13.79
C ASP A 102 13.28 -2.03 -12.56
N PRO A 103 14.27 -2.89 -12.32
CA PRO A 103 15.14 -2.74 -11.16
C PRO A 103 15.80 -1.38 -11.05
N GLU A 104 16.26 -0.83 -12.16
CA GLU A 104 16.88 0.47 -12.10
C GLU A 104 15.99 1.48 -11.39
N TYR A 105 14.76 1.61 -11.87
CA TYR A 105 13.82 2.54 -11.24
C TYR A 105 13.60 2.13 -9.80
N ALA A 106 13.61 0.83 -9.54
CA ALA A 106 13.39 0.33 -8.19
C ALA A 106 14.50 0.86 -7.28
N LYS A 107 15.73 0.80 -7.75
CA LYS A 107 16.84 1.29 -6.95
C LYS A 107 16.54 2.75 -6.57
N LYS A 108 16.05 3.51 -7.53
CA LYS A 108 15.72 4.92 -7.34
C LYS A 108 14.65 5.15 -6.27
N LEU A 109 13.84 4.13 -6.02
CA LEU A 109 12.79 4.22 -5.00
C LEU A 109 13.42 3.75 -3.71
N GLY A 110 14.73 3.52 -3.76
CA GLY A 110 15.45 3.11 -2.57
C GLY A 110 15.50 1.62 -2.27
N VAL A 111 15.22 0.79 -3.26
CA VAL A 111 15.25 -0.64 -3.06
C VAL A 111 16.66 -1.15 -3.29
N ASP A 112 17.09 -2.07 -2.46
CA ASP A 112 18.41 -2.65 -2.61
C ASP A 112 18.15 -3.90 -3.43
N THR A 113 18.14 -3.72 -4.74
CA THR A 113 17.86 -4.77 -5.69
C THR A 113 18.66 -6.03 -5.50
N ASP A 114 19.98 -5.89 -5.43
CA ASP A 114 20.85 -7.04 -5.28
C ASP A 114 20.41 -8.04 -4.20
N SER A 115 19.89 -7.54 -3.09
CA SER A 115 19.45 -8.42 -2.01
C SER A 115 17.95 -8.76 -2.14
N LEU A 116 17.36 -8.38 -3.26
CA LEU A 116 15.96 -8.63 -3.50
C LEU A 116 15.79 -9.96 -4.16
N LEU A 117 15.02 -10.83 -3.54
CA LEU A 117 14.76 -12.12 -4.15
C LEU A 117 13.70 -11.95 -5.24
N VAL A 118 13.93 -12.61 -6.37
CA VAL A 118 13.03 -12.55 -7.52
C VAL A 118 12.83 -13.97 -7.99
N SER A 119 11.63 -14.28 -8.45
CA SER A 119 11.33 -15.61 -8.92
C SER A 119 10.36 -15.39 -10.05
N GLN A 120 10.53 -16.13 -11.15
CA GLN A 120 9.63 -15.98 -12.28
C GLN A 120 9.03 -17.34 -12.58
N PRO A 121 7.96 -17.70 -11.86
CA PRO A 121 7.19 -18.94 -11.93
C PRO A 121 6.81 -19.38 -13.33
N ASP A 122 6.47 -20.66 -13.45
CA ASP A 122 6.07 -21.25 -14.73
C ASP A 122 4.56 -21.34 -14.79
N THR A 123 3.92 -21.39 -13.64
CA THR A 123 2.47 -21.46 -13.58
C THR A 123 1.97 -20.66 -12.39
N GLY A 124 0.67 -20.57 -12.24
CA GLY A 124 0.11 -19.83 -11.13
C GLY A 124 0.32 -20.66 -9.87
N GLU A 125 0.18 -21.97 -10.02
CA GLU A 125 0.38 -22.88 -8.89
C GLU A 125 1.80 -22.68 -8.37
N GLN A 126 2.77 -22.92 -9.21
CA GLN A 126 4.17 -22.77 -8.85
C GLN A 126 4.43 -21.44 -8.17
N ALA A 127 3.93 -20.35 -8.76
CA ALA A 127 4.13 -19.03 -8.20
C ALA A 127 3.61 -18.94 -6.76
N LEU A 128 2.35 -19.28 -6.55
CA LEU A 128 1.82 -19.20 -5.19
C LEU A 128 2.56 -20.17 -4.26
N GLU A 129 2.91 -21.33 -4.80
CA GLU A 129 3.61 -22.34 -4.03
C GLU A 129 5.01 -21.84 -3.64
N ILE A 130 5.71 -21.19 -4.57
CA ILE A 130 7.03 -20.68 -4.29
C ILE A 130 6.93 -19.62 -3.20
N ALA A 131 5.94 -18.75 -3.33
CA ALA A 131 5.72 -17.69 -2.38
C ALA A 131 5.43 -18.27 -0.99
N ASP A 132 4.61 -19.32 -0.97
CA ASP A 132 4.24 -19.97 0.28
C ASP A 132 5.44 -20.63 0.94
N MET A 133 6.30 -21.26 0.14
CA MET A 133 7.48 -21.91 0.71
C MET A 133 8.38 -20.85 1.35
N LEU A 134 8.56 -19.71 0.66
CA LEU A 134 9.38 -18.61 1.17
C LEU A 134 8.76 -18.07 2.44
N VAL A 135 7.52 -17.64 2.34
CA VAL A 135 6.81 -17.09 3.47
C VAL A 135 6.76 -17.91 4.77
N ARG A 136 6.95 -19.22 4.69
CA ARG A 136 6.90 -20.03 5.90
C ARG A 136 8.34 -20.42 6.28
N SER A 137 9.26 -19.54 5.96
CA SER A 137 10.66 -19.72 6.28
C SER A 137 10.89 -18.66 7.33
N GLY A 138 9.90 -17.77 7.48
CA GLY A 138 9.96 -16.68 8.42
C GLY A 138 11.10 -15.70 8.21
N ALA A 139 11.83 -15.83 7.11
CA ALA A 139 12.92 -14.90 6.89
C ALA A 139 12.48 -13.62 6.18
N LEU A 140 11.25 -13.61 5.66
CA LEU A 140 10.77 -12.46 4.92
C LEU A 140 9.87 -11.45 5.62
N ASP A 141 10.16 -10.17 5.38
CA ASP A 141 9.38 -9.08 5.94
C ASP A 141 8.22 -8.77 5.00
N ILE A 142 8.52 -8.73 3.71
CA ILE A 142 7.51 -8.44 2.71
C ILE A 142 7.70 -9.28 1.45
N ILE A 143 6.60 -9.76 0.89
CA ILE A 143 6.63 -10.44 -0.41
C ILE A 143 5.53 -9.93 -1.32
N VAL A 144 5.91 -9.30 -2.42
CA VAL A 144 4.95 -8.75 -3.37
C VAL A 144 4.77 -9.69 -4.56
N ILE A 145 3.51 -9.96 -4.90
CA ILE A 145 3.18 -10.65 -6.14
C ILE A 145 2.71 -9.68 -7.21
N ASP A 146 3.38 -9.69 -8.36
CA ASP A 146 2.90 -8.98 -9.54
C ASP A 146 1.72 -9.74 -10.12
N SER A 147 0.70 -9.00 -10.54
CA SER A 147 -0.32 -9.54 -11.45
C SER A 147 -1.09 -10.73 -10.90
N VAL A 148 -2.02 -10.45 -9.99
CA VAL A 148 -3.05 -11.41 -9.62
C VAL A 148 -3.57 -12.16 -10.86
N ALA A 149 -3.64 -11.45 -11.97
CA ALA A 149 -4.25 -11.99 -13.19
C ALA A 149 -3.29 -12.94 -13.91
N ALA A 150 -2.00 -12.72 -13.73
CA ALA A 150 -0.98 -13.54 -14.37
C ALA A 150 -0.78 -14.85 -13.62
N LEU A 151 -1.70 -15.15 -12.70
CA LEU A 151 -1.60 -16.34 -11.88
C LEU A 151 -2.30 -17.51 -12.56
N VAL A 152 -2.44 -17.43 -13.87
CA VAL A 152 -3.15 -18.45 -14.63
C VAL A 152 -2.74 -19.88 -14.31
N PRO A 153 -3.73 -20.75 -14.16
CA PRO A 153 -3.49 -22.14 -13.77
C PRO A 153 -2.66 -22.89 -14.81
N ARG A 154 -2.01 -23.98 -14.39
CA ARG A 154 -1.19 -24.77 -15.29
C ARG A 154 -2.02 -25.33 -16.45
N ALA A 155 -3.14 -25.97 -16.11
CA ALA A 155 -4.02 -26.55 -17.12
C ALA A 155 -4.32 -25.54 -18.22
N GLU A 156 -4.36 -24.26 -17.86
CA GLU A 156 -4.65 -23.20 -18.82
C GLU A 156 -3.40 -22.82 -19.60
N ILE A 157 -2.26 -22.80 -18.92
CA ILE A 157 -0.99 -22.46 -19.55
C ILE A 157 -0.60 -23.48 -20.61
N GLU A 158 -0.91 -24.74 -20.33
CA GLU A 158 -0.60 -25.82 -21.26
C GLU A 158 -1.80 -26.19 -22.11
N GLY A 159 -2.01 -25.44 -23.19
CA GLY A 159 -3.11 -25.68 -24.09
C GLY A 159 -4.01 -26.82 -23.62
N GLU A 160 -4.97 -26.50 -22.77
CA GLU A 160 -5.89 -27.51 -22.24
C GLU A 160 -6.98 -27.84 -23.25
N MET A 161 -8.23 -27.82 -22.80
CA MET A 161 -9.36 -28.12 -23.66
C MET A 161 -10.58 -27.29 -23.27
N GLY A 162 -11.37 -26.92 -24.27
CA GLY A 162 -12.57 -26.13 -24.04
C GLY A 162 -13.60 -26.86 -23.21
N ASP A 163 -13.31 -28.11 -22.86
CA ASP A 163 -14.20 -28.92 -22.06
C ASP A 163 -13.61 -29.21 -20.68
N SER A 164 -14.48 -29.32 -19.69
CA SER A 164 -14.04 -29.31 -18.29
C SER A 164 -13.31 -28.01 -17.95
N HIS A 165 -13.26 -27.10 -18.91
CA HIS A 165 -13.10 -25.68 -18.61
C HIS A 165 -13.91 -25.17 -17.42
N VAL A 166 -13.24 -24.47 -16.51
CA VAL A 166 -13.81 -24.14 -15.22
C VAL A 166 -13.40 -22.74 -14.75
N GLY A 167 -13.96 -22.31 -13.62
CA GLY A 167 -13.45 -21.17 -12.90
C GLY A 167 -12.24 -21.51 -12.06
N LEU A 168 -11.17 -21.96 -12.72
CA LEU A 168 -10.10 -22.69 -12.05
C LEU A 168 -9.14 -21.75 -11.35
N GLN A 169 -8.95 -20.57 -11.93
CA GLN A 169 -8.00 -19.59 -11.40
C GLN A 169 -8.43 -19.05 -10.04
N ALA A 170 -9.72 -18.76 -9.87
CA ALA A 170 -10.23 -18.25 -8.60
C ALA A 170 -10.04 -19.28 -7.48
N ARG A 171 -10.38 -20.54 -7.76
CA ARG A 171 -10.22 -21.61 -6.78
C ARG A 171 -8.75 -21.72 -6.40
N LEU A 172 -7.88 -21.66 -7.40
CA LEU A 172 -6.44 -21.72 -7.19
C LEU A 172 -6.01 -20.65 -6.19
N MET A 173 -6.54 -19.45 -6.42
CA MET A 173 -6.26 -18.27 -5.61
C MET A 173 -6.84 -18.35 -4.20
N SER A 174 -7.92 -19.13 -4.03
CA SER A 174 -8.58 -19.30 -2.74
C SER A 174 -7.85 -20.31 -1.89
N GLN A 175 -7.58 -21.47 -2.47
CA GLN A 175 -6.87 -22.54 -1.78
C GLN A 175 -5.51 -22.05 -1.36
N ALA A 176 -4.89 -21.26 -2.23
CA ALA A 176 -3.55 -20.70 -1.99
C ALA A 176 -3.55 -19.73 -0.81
N LEU A 177 -4.51 -18.83 -0.80
CA LEU A 177 -4.61 -17.85 0.28
C LEU A 177 -5.02 -18.52 1.58
N ARG A 178 -5.88 -19.54 1.49
CA ARG A 178 -6.35 -20.24 2.67
C ARG A 178 -5.20 -20.69 3.56
N LYS A 179 -4.17 -21.25 2.94
CA LYS A 179 -3.03 -21.72 3.70
C LYS A 179 -1.89 -20.72 3.81
N MET A 180 -1.81 -19.76 2.88
CA MET A 180 -0.72 -18.80 2.97
C MET A 180 -0.94 -17.77 4.08
N THR A 181 -2.20 -17.49 4.39
CA THR A 181 -2.53 -16.52 5.44
C THR A 181 -2.01 -16.92 6.80
N GLY A 182 -2.44 -18.09 7.28
CA GLY A 182 -1.96 -18.57 8.56
C GLY A 182 -0.45 -18.39 8.62
N ALA A 183 0.24 -18.96 7.63
CA ALA A 183 1.69 -18.86 7.57
C ALA A 183 2.11 -17.39 7.68
N LEU A 184 1.48 -16.54 6.88
CA LEU A 184 1.78 -15.12 6.90
C LEU A 184 1.68 -14.53 8.29
N ASN A 185 0.69 -14.97 9.07
CA ASN A 185 0.53 -14.46 10.43
C ASN A 185 1.69 -14.93 11.29
N ASN A 186 1.94 -16.24 11.29
CA ASN A 186 3.04 -16.78 12.07
C ASN A 186 4.33 -16.07 11.70
N SER A 187 4.63 -16.00 10.42
CA SER A 187 5.85 -15.34 9.94
C SER A 187 5.87 -13.82 10.11
N GLY A 188 4.71 -13.18 9.99
CA GLY A 188 4.68 -11.74 10.14
C GLY A 188 5.04 -10.99 8.87
N THR A 189 5.14 -11.74 7.77
CA THR A 189 5.46 -11.14 6.48
C THR A 189 4.22 -10.50 5.92
N THR A 190 4.39 -9.34 5.30
CA THR A 190 3.25 -8.66 4.69
C THR A 190 3.26 -9.12 3.25
N ALA A 191 2.11 -9.52 2.76
CA ALA A 191 2.04 -9.97 1.38
C ALA A 191 1.20 -8.98 0.57
N ILE A 192 1.83 -8.37 -0.43
CA ILE A 192 1.16 -7.41 -1.27
C ILE A 192 0.88 -8.05 -2.62
N PHE A 193 -0.39 -8.12 -2.99
CA PHE A 193 -0.75 -8.67 -4.30
C PHE A 193 -1.09 -7.47 -5.16
N ILE A 194 -0.49 -7.40 -6.35
CA ILE A 194 -0.74 -6.32 -7.29
C ILE A 194 -1.80 -6.83 -8.24
N ASN A 195 -2.95 -6.17 -8.26
CA ASN A 195 -4.07 -6.58 -9.10
C ASN A 195 -4.46 -5.49 -10.07
N ASN A 196 -4.10 -5.69 -11.34
CA ASN A 196 -4.37 -4.76 -12.41
C ASN A 196 -5.77 -4.98 -12.95
N LEU A 197 -6.61 -3.97 -12.91
CA LEU A 197 -7.95 -4.08 -13.44
C LEU A 197 -7.77 -3.76 -14.93
N ARG A 198 -8.13 -4.68 -15.82
CA ARG A 198 -7.91 -4.42 -17.25
C ARG A 198 -9.11 -4.46 -18.20
N GLU A 209 -15.22 -11.27 -11.57
CA GLU A 209 -14.42 -11.10 -10.32
C GLU A 209 -13.38 -9.99 -10.46
N THR A 210 -12.59 -9.78 -9.41
CA THR A 210 -11.53 -8.78 -9.46
C THR A 210 -10.38 -9.49 -10.19
N THR A 211 -10.45 -9.50 -11.52
CA THR A 211 -9.45 -10.16 -12.36
C THR A 211 -9.40 -11.67 -12.07
N THR A 212 -10.58 -12.25 -11.84
CA THR A 212 -10.75 -13.70 -11.61
C THR A 212 -10.31 -14.20 -10.23
N GLY A 213 -9.06 -13.95 -9.87
CA GLY A 213 -8.54 -14.40 -8.59
C GLY A 213 -8.85 -13.49 -7.41
N GLY A 214 -9.14 -12.22 -7.72
CA GLY A 214 -9.45 -11.24 -6.70
C GLY A 214 -10.76 -11.46 -5.97
N LYS A 215 -11.46 -12.52 -6.36
CA LYS A 215 -12.73 -12.88 -5.74
C LYS A 215 -12.47 -13.30 -4.29
N ALA A 216 -11.37 -14.02 -4.09
CA ALA A 216 -10.98 -14.48 -2.76
C ALA A 216 -10.14 -13.42 -2.06
N LEU A 217 -9.25 -12.79 -2.83
CA LEU A 217 -8.37 -11.74 -2.32
C LEU A 217 -9.24 -10.77 -1.55
N LYS A 218 -10.37 -10.40 -2.15
CA LYS A 218 -11.32 -9.48 -1.53
C LYS A 218 -11.59 -9.88 -0.09
N PHE A 219 -11.84 -11.18 0.11
CA PHE A 219 -12.12 -11.73 1.43
C PHE A 219 -10.94 -12.01 2.35
N TYR A 220 -9.79 -12.38 1.78
CA TYR A 220 -8.62 -12.69 2.58
C TYR A 220 -7.76 -11.50 3.01
N ALA A 221 -7.91 -10.38 2.32
CA ALA A 221 -7.13 -9.20 2.65
C ALA A 221 -7.57 -8.46 3.92
N SER A 222 -6.59 -7.93 4.64
CA SER A 222 -6.84 -7.18 5.85
C SER A 222 -6.88 -5.71 5.45
N VAL A 223 -6.31 -5.44 4.29
CA VAL A 223 -6.27 -4.09 3.73
C VAL A 223 -6.35 -4.22 2.20
N ARG A 224 -7.09 -3.32 1.57
CA ARG A 224 -7.24 -3.32 0.13
C ARG A 224 -7.16 -1.89 -0.33
N LEU A 225 -6.19 -1.59 -1.17
CA LEU A 225 -6.06 -0.23 -1.65
C LEU A 225 -6.56 -0.11 -3.09
N ASP A 226 -7.31 0.96 -3.33
CA ASP A 226 -7.86 1.24 -4.64
C ASP A 226 -7.01 2.37 -5.23
N VAL A 227 -6.01 2.02 -6.04
CA VAL A 227 -5.15 3.03 -6.64
C VAL A 227 -5.73 3.54 -7.94
N ARG A 228 -5.71 4.86 -8.10
CA ARG A 228 -6.26 5.47 -9.30
C ARG A 228 -5.46 6.70 -9.70
N ARG A 229 -5.32 6.89 -11.01
CA ARG A 229 -4.62 8.06 -11.54
C ARG A 229 -5.59 9.22 -11.66
N ILE A 230 -5.32 10.35 -11.02
CA ILE A 230 -6.24 11.46 -11.14
C ILE A 230 -5.69 12.69 -11.86
N GLU A 231 -4.39 12.90 -11.80
CA GLU A 231 -3.86 14.06 -12.47
C GLU A 231 -2.69 13.71 -13.33
N THR A 232 -2.20 14.74 -14.00
CA THR A 232 -1.10 14.62 -14.91
C THR A 232 -0.37 15.71 -14.18
N LEU A 233 0.79 15.40 -13.62
CA LEU A 233 1.50 16.43 -12.86
C LEU A 233 2.08 17.41 -13.86
N LYS A 234 1.45 18.57 -13.94
CA LYS A 234 1.87 19.60 -14.90
C LYS A 234 2.70 20.79 -14.41
N ASP A 235 2.61 21.13 -13.14
CA ASP A 235 3.27 22.35 -12.70
C ASP A 235 2.36 23.21 -13.60
N GLY A 236 2.97 24.07 -14.41
CA GLY A 236 2.18 24.88 -15.31
C GLY A 236 1.83 24.34 -16.70
N THR A 237 2.83 23.98 -17.51
CA THR A 237 2.56 23.43 -18.84
C THR A 237 3.55 22.43 -19.49
N ASP A 238 3.87 21.34 -18.79
CA ASP A 238 4.73 20.29 -19.33
C ASP A 238 4.81 19.07 -18.42
N ALA A 239 5.16 17.93 -19.02
CA ALA A 239 5.24 16.63 -18.33
C ALA A 239 6.26 16.15 -17.28
N VAL A 240 5.83 16.14 -16.02
CA VAL A 240 6.66 15.70 -14.90
C VAL A 240 6.24 14.38 -14.23
N GLY A 241 4.94 14.08 -14.27
CA GLY A 241 4.46 12.86 -13.65
C GLY A 241 2.94 12.87 -13.54
N ASN A 242 2.41 12.28 -12.46
CA ASN A 242 0.98 12.12 -12.28
C ASN A 242 0.63 12.10 -10.81
N ARG A 243 -0.58 12.57 -10.50
CA ARG A 243 -1.04 12.56 -9.11
C ARG A 243 -1.89 11.33 -8.94
N THR A 244 -1.68 10.61 -7.86
CA THR A 244 -2.44 9.40 -7.59
C THR A 244 -3.39 9.61 -6.44
N ARG A 245 -4.44 8.80 -6.38
CA ARG A 245 -5.39 8.85 -5.29
C ARG A 245 -5.62 7.42 -4.87
N VAL A 246 -5.47 7.13 -3.59
CA VAL A 246 -5.69 5.78 -3.10
C VAL A 246 -6.87 5.80 -2.14
N LYS A 247 -7.79 4.84 -2.29
CA LYS A 247 -8.95 4.77 -1.40
C LYS A 247 -8.78 3.48 -0.63
N VAL A 248 -8.77 3.56 0.69
CA VAL A 248 -8.59 2.37 1.52
C VAL A 248 -9.95 1.69 1.69
N VAL A 249 -10.48 1.14 0.61
CA VAL A 249 -11.76 0.49 0.64
C VAL A 249 -11.95 -0.58 1.71
N LYS A 250 -10.91 -1.32 2.05
CA LYS A 250 -11.04 -2.31 3.12
C LYS A 250 -9.90 -2.29 4.12
N ASN A 251 -10.22 -2.16 5.41
CA ASN A 251 -9.18 -2.14 6.44
C ASN A 251 -9.61 -2.80 7.75
N LYS A 252 -9.13 -4.02 7.97
CA LYS A 252 -9.50 -4.73 9.17
C LYS A 252 -8.67 -4.38 10.39
N VAL A 253 -7.89 -3.30 10.31
CA VAL A 253 -7.07 -2.91 11.46
C VAL A 253 -7.23 -1.45 11.83
N SER A 254 -8.16 -0.77 11.18
CA SER A 254 -8.41 0.63 11.45
C SER A 254 -9.64 1.01 10.64
N PRO A 255 -10.31 2.12 11.00
CA PRO A 255 -11.49 2.56 10.27
C PRO A 255 -11.17 2.68 8.78
N PRO A 256 -11.93 1.98 7.91
CA PRO A 256 -11.71 2.02 6.47
C PRO A 256 -12.36 3.20 5.78
N PHE A 257 -12.19 3.23 4.47
CA PHE A 257 -12.78 4.24 3.62
C PHE A 257 -12.07 5.58 3.60
N LYS A 258 -10.88 5.67 4.21
CA LYS A 258 -10.12 6.92 4.20
C LYS A 258 -9.49 7.07 2.80
N GLN A 259 -8.94 8.24 2.50
CA GLN A 259 -8.33 8.47 1.20
C GLN A 259 -7.09 9.33 1.25
N ALA A 260 -6.12 9.02 0.40
CA ALA A 260 -4.88 9.77 0.35
C ALA A 260 -4.52 10.13 -1.10
N GLU A 261 -3.77 11.22 -1.26
CA GLU A 261 -3.33 11.65 -2.58
C GLU A 261 -1.84 11.98 -2.54
N PHE A 262 -1.15 11.80 -3.66
CA PHE A 262 0.26 12.07 -3.71
C PHE A 262 0.76 12.04 -5.13
N ASP A 263 1.93 12.64 -5.33
CA ASP A 263 2.53 12.73 -6.65
C ASP A 263 3.62 11.71 -6.87
N ILE A 264 3.67 11.15 -8.06
CA ILE A 264 4.75 10.23 -8.44
C ILE A 264 5.30 10.91 -9.67
N LEU A 265 6.60 11.19 -9.68
CA LEU A 265 7.19 11.87 -10.83
C LEU A 265 7.74 10.83 -11.78
N TYR A 266 7.93 11.20 -13.04
CA TYR A 266 8.47 10.26 -14.01
C TYR A 266 9.94 10.04 -13.58
N GLY A 267 10.28 8.78 -13.29
CA GLY A 267 11.63 8.46 -12.88
C GLY A 267 11.89 8.58 -11.39
N GLN A 268 11.03 9.32 -10.70
CA GLN A 268 11.16 9.51 -9.27
C GLN A 268 9.95 8.98 -8.54
N GLY A 269 10.16 8.27 -7.44
CA GLY A 269 9.05 7.63 -6.78
C GLY A 269 8.22 8.72 -6.12
N ILE A 270 7.28 8.31 -5.27
CA ILE A 270 6.41 9.23 -4.55
C ILE A 270 7.12 10.48 -4.04
N SER A 271 6.62 11.65 -4.40
CA SER A 271 7.25 12.91 -3.99
C SER A 271 7.11 13.31 -2.54
N ARG A 272 8.22 13.28 -1.79
CA ARG A 272 8.21 13.65 -0.38
C ARG A 272 7.76 15.09 -0.27
N GLU A 273 8.55 16.01 -0.82
CA GLU A 273 8.23 17.43 -0.78
C GLU A 273 6.77 17.64 -1.17
N GLY A 274 6.38 17.07 -2.29
CA GLY A 274 4.99 17.18 -2.73
C GLY A 274 4.07 16.86 -1.58
N SER A 275 4.25 15.68 -0.99
CA SER A 275 3.43 15.28 0.15
C SER A 275 3.43 16.39 1.20
N LEU A 276 4.61 16.73 1.71
CA LEU A 276 4.76 17.77 2.73
C LEU A 276 3.96 19.01 2.38
N ILE A 277 4.09 19.48 1.15
CA ILE A 277 3.36 20.67 0.74
C ILE A 277 1.87 20.42 0.92
N ASP A 278 1.38 19.30 0.42
CA ASP A 278 -0.04 19.01 0.56
C ASP A 278 -0.50 18.90 1.99
N MET A 279 -0.09 17.84 2.68
CA MET A 279 -0.46 17.67 4.06
C MET A 279 -0.17 18.93 4.89
N GLY A 280 0.97 19.54 4.63
CA GLY A 280 1.33 20.74 5.34
C GLY A 280 0.18 21.74 5.26
N VAL A 281 -0.26 22.04 4.05
CA VAL A 281 -1.35 22.98 3.85
C VAL A 281 -2.65 22.58 4.54
N GLU A 282 -3.22 21.43 4.18
CA GLU A 282 -4.47 21.04 4.82
C GLU A 282 -4.35 21.09 6.34
N HIS A 283 -3.16 20.87 6.87
CA HIS A 283 -3.01 20.90 8.32
C HIS A 283 -2.51 22.23 8.84
N GLY A 284 -2.75 23.28 8.07
CA GLY A 284 -2.35 24.61 8.48
C GLY A 284 -0.90 25.08 8.45
N PHE A 285 0.00 24.30 9.05
CA PHE A 285 1.42 24.67 9.14
C PHE A 285 2.03 25.48 8.00
N ILE A 286 1.60 25.22 6.78
CA ILE A 286 1.99 26.05 5.66
C ILE A 286 0.73 26.72 5.11
N ARG A 287 0.72 28.05 5.17
CA ARG A 287 -0.41 28.85 4.69
C ARG A 287 -0.30 29.01 3.17
N LYS A 288 -1.44 28.97 2.50
CA LYS A 288 -1.45 29.10 1.06
C LYS A 288 -2.24 30.27 0.54
N SER A 289 -1.63 31.45 0.53
CA SER A 289 -2.33 32.59 -0.04
C SER A 289 -2.48 32.07 -1.48
N GLY A 290 -3.69 32.09 -2.02
CA GLY A 290 -3.90 31.61 -3.38
C GLY A 290 -2.79 31.96 -4.37
N SER A 291 -2.15 30.94 -4.93
CA SER A 291 -1.05 31.09 -5.90
C SER A 291 0.34 31.36 -5.31
N TRP A 292 0.41 31.58 -4.00
CA TRP A 292 1.70 31.68 -3.33
C TRP A 292 1.74 30.93 -2.00
N PHE A 293 2.64 29.96 -1.93
CA PHE A 293 2.84 29.13 -0.74
C PHE A 293 3.87 29.77 0.18
N THR A 294 3.58 29.79 1.48
CA THR A 294 4.47 30.41 2.45
C THR A 294 4.49 29.62 3.75
N TYR A 295 5.67 29.50 4.37
CA TYR A 295 5.75 28.78 5.63
C TYR A 295 6.37 29.60 6.72
N GLU A 296 5.69 29.68 7.85
CA GLU A 296 6.18 30.42 9.00
C GLU A 296 6.79 31.75 8.55
N GLY A 297 6.07 32.43 7.66
CA GLY A 297 6.51 33.73 7.18
C GLY A 297 7.54 33.72 6.08
N GLU A 298 7.98 32.54 5.64
CA GLU A 298 8.96 32.45 4.57
C GLU A 298 8.26 32.27 3.24
N GLN A 299 8.83 32.84 2.19
CA GLN A 299 8.27 32.73 0.85
C GLN A 299 8.70 31.38 0.29
N LEU A 300 7.75 30.57 -0.16
CA LEU A 300 8.05 29.25 -0.70
C LEU A 300 8.06 29.22 -2.22
N GLY A 301 7.20 30.03 -2.82
CA GLY A 301 7.16 30.07 -4.27
C GLY A 301 5.73 29.99 -4.75
N GLN A 302 5.53 30.35 -6.01
CA GLN A 302 4.21 30.30 -6.61
C GLN A 302 4.10 29.01 -7.44
N GLY A 303 3.08 28.20 -7.15
CA GLY A 303 2.89 26.97 -7.88
C GLY A 303 3.48 25.81 -7.10
N LYS A 304 2.70 24.73 -7.00
CA LYS A 304 3.11 23.54 -6.29
C LYS A 304 4.55 23.12 -6.61
N GLU A 305 4.98 23.31 -7.86
CA GLU A 305 6.35 22.91 -8.26
C GLU A 305 7.45 23.81 -7.69
N ASN A 306 7.28 25.13 -7.83
CA ASN A 306 8.26 26.07 -7.32
C ASN A 306 8.42 25.81 -5.83
N ALA A 307 7.31 25.55 -5.17
CA ALA A 307 7.32 25.27 -3.74
C ALA A 307 8.01 23.93 -3.51
N ARG A 308 7.64 22.92 -4.32
CA ARG A 308 8.23 21.59 -4.22
C ARG A 308 9.75 21.80 -4.31
N LYS A 309 10.16 22.58 -5.32
CA LYS A 309 11.56 22.89 -5.54
C LYS A 309 12.15 23.52 -4.30
N PHE A 310 11.54 24.61 -3.86
CA PHE A 310 12.01 25.30 -2.67
C PHE A 310 12.31 24.32 -1.54
N LEU A 311 11.33 23.47 -1.25
CA LEU A 311 11.47 22.49 -0.18
C LEU A 311 12.56 21.44 -0.44
N LEU A 312 12.67 20.98 -1.68
CA LEU A 312 13.69 19.98 -2.00
C LEU A 312 15.07 20.61 -1.82
N GLU A 313 15.21 21.89 -2.15
CA GLU A 313 16.50 22.55 -2.03
C GLU A 313 16.81 22.96 -0.59
N ASN A 314 15.95 23.76 0.03
CA ASN A 314 16.18 24.15 1.42
C ASN A 314 15.74 22.98 2.27
N THR A 315 16.53 21.92 2.24
CA THR A 315 16.23 20.69 2.99
C THR A 315 15.94 20.96 4.46
N ASP A 316 16.47 22.06 4.99
CA ASP A 316 16.23 22.39 6.38
C ASP A 316 14.75 22.63 6.57
N VAL A 317 14.18 23.49 5.75
CA VAL A 317 12.75 23.73 5.81
C VAL A 317 12.26 22.40 5.25
N ALA A 318 10.99 22.10 5.41
CA ALA A 318 10.50 20.82 4.92
C ALA A 318 10.96 19.67 5.82
N ASN A 319 11.87 19.97 6.74
CA ASN A 319 12.28 18.97 7.71
C ASN A 319 11.61 19.33 9.02
N GLU A 320 11.51 20.64 9.28
CA GLU A 320 10.86 21.13 10.47
C GLU A 320 9.36 21.02 10.18
N ILE A 321 9.01 21.04 8.89
CA ILE A 321 7.63 20.90 8.46
C ILE A 321 7.30 19.43 8.66
N GLU A 322 8.06 18.56 8.01
CA GLU A 322 7.82 17.13 8.15
C GLU A 322 7.71 16.91 9.65
N LYS A 323 8.60 17.55 10.40
CA LYS A 323 8.60 17.43 11.84
C LYS A 323 7.24 17.84 12.38
N LYS A 324 6.87 19.09 12.17
CA LYS A 324 5.60 19.61 12.65
C LYS A 324 4.36 18.78 12.27
N ILE A 325 4.27 18.36 11.02
CA ILE A 325 3.12 17.57 10.59
C ILE A 325 3.14 16.21 11.27
N LYS A 326 4.35 15.65 11.40
CA LYS A 326 4.51 14.34 12.03
C LYS A 326 4.02 14.36 13.46
N GLU A 327 4.34 15.43 14.18
CA GLU A 327 3.92 15.52 15.57
C GLU A 327 2.40 15.57 15.65
N LYS A 328 1.82 16.56 14.98
CA LYS A 328 0.38 16.75 14.99
C LYS A 328 -0.46 15.53 14.60
N LEU A 329 0.15 14.55 13.94
CA LEU A 329 -0.62 13.38 13.57
C LEU A 329 -0.24 12.13 14.35
N GLY A 330 0.86 11.53 13.90
CA GLY A 330 1.31 10.32 14.53
C GLY A 330 2.70 10.55 15.08
N ILE A 331 2.76 10.70 16.40
CA ILE A 331 4.03 10.88 17.11
C ILE A 331 4.24 9.50 17.77
N GLY A 332 5.49 9.21 18.19
CA GLY A 332 5.90 7.92 18.88
C GLY A 332 4.86 7.47 19.97
N ALA A 333 4.53 6.19 20.05
CA ALA A 333 3.40 5.77 20.91
C ALA A 333 3.48 4.81 22.11
N VAL A 334 2.43 4.79 22.88
CA VAL A 334 2.33 3.93 24.04
C VAL A 334 3.38 4.21 25.17
PG AGS B . 1.27 -0.83 -13.34
S1G AGS B . 2.88 -1.82 -13.75
O2G AGS B . 0.43 -1.96 -12.91
O3G AGS B . 1.15 -0.11 -14.62
PB AGS B . 1.06 0.93 -11.23
O1B AGS B . 0.31 1.53 -12.36
O2B AGS B . 0.53 -0.12 -10.35
O3B AGS B . 1.97 -0.05 -12.12
PA AGS B . 3.51 2.14 -11.78
O1A AGS B . 2.94 2.11 -13.14
O2A AGS B . 4.76 1.40 -11.53
O3A AGS B . 2.39 1.68 -10.72
O5' AGS B . 3.74 3.70 -11.40
C5' AGS B . 3.34 4.69 -12.35
C4' AGS B . 4.45 5.75 -12.53
O4' AGS B . 5.74 5.22 -12.12
C3' AGS B . 4.64 6.04 -14.01
O3' AGS B . 3.66 6.97 -14.47
C2' AGS B . 6.00 6.72 -13.95
O2' AGS B . 5.89 8.05 -13.44
C1' AGS B . 6.75 5.83 -12.95
N9 AGS B . 7.46 4.70 -13.59
C8 AGS B . 7.05 3.45 -13.63
N7 AGS B . 7.97 2.68 -14.19
C5 AGS B . 9.00 3.47 -14.51
C6 AGS B . 10.24 3.23 -15.11
N6 AGS B . 10.60 2.00 -15.46
N1 AGS B . 11.06 4.27 -15.30
C2 AGS B . 10.71 5.49 -14.94
N3 AGS B . 9.54 5.74 -14.36
C4 AGS B . 8.67 4.75 -14.14
C1 GOL C . -6.37 -14.36 13.72
O1 GOL C . -7.64 -14.76 14.24
C2 GOL C . -5.90 -13.09 14.41
O2 GOL C . -4.64 -12.70 13.87
C3 GOL C . -6.93 -11.98 14.22
O3 GOL C . -6.53 -10.78 14.91
MG MG D . 11.29 -22.47 -17.41
#